data_3IXP
#
_entry.id   3IXP
#
_cell.length_a   147.875
_cell.length_b   147.875
_cell.length_c   59.776
_cell.angle_alpha   90.000
_cell.angle_beta   90.000
_cell.angle_gamma   120.000
#
_symmetry.space_group_name_H-M   'P 3 2 1'
#
loop_
_entity.id
_entity.type
_entity.pdbx_description
1 polymer 'Gene regulation protein'
2 polymer 'Ecdysone receptor'
3 non-polymer L-ALPHA-PHOSPHATIDYL-BETA-OLEOYL-GAMMA-PALMITOYL-PHOSPHATIDYLETHANOLAMINE
4 non-polymer N-[2-(2-chlorophenyl)-4-methyl-5-(1-methylethyl)-1H-imidazol-1-yl]-5-methyl-2,3-dihydro-1,4-benzodioxine-6-carboxamide
5 water water
#
loop_
_entity_poly.entity_id
_entity_poly.type
_entity_poly.pdbx_seq_one_letter_code
_entity_poly.pdbx_strand_id
1 'polypeptide(L)'
;MVQELSIERLLEMESLVADPSEEFQFLRVGPDSNVPPKFRAPVSSLCQIGNKQIAALVVWARDIPHFSQLEMEDQILLIK
GSWNELLLFAIAWRSMEFLTEERDGVDGTGNRTTSPPQLMCLMPGMTLHRNSALQAGVGQIFDRVLSELSLKMRTLRVDQ
AEYVALKAIILLNPDVKGLKNRQEVEVLREKMFLCLDEYCRRSRSSEEGRFAALLLRLPALRSISLKSFEHLFFFHLVAD
TSIAGYIRDALRNHAPPIDTNMM
;
A
2 'polypeptide(L)'
;GSHMASMTGGQQMGRDPKNVPPLTANQKSLIARLVYYQEGYEQPSEEDLKRVTQTWQSDEDDEDSDMPFRQITEMTILTV
QLIVEFAKGLPGFSKISQSDQITLLKACSSEVMMLRVARRYDAATDSVLFANNQAYTRDNYRKAGMAYVIEDLLHFCRCM
YSMMMDNVHYALLTAIVIFSDRPGLEQPSLVEEIQRYYLNTLRVYILNQNSASPRSAVIFGKILGILTEIRTLGMQNSNM
CISLKLKNRKLPPFLEEIWDVADVA
;
D
#
# COMPACT_ATOMS: atom_id res chain seq x y z
N GLN A 3 -10.55 -5.79 21.88
CA GLN A 3 -11.30 -6.53 22.94
C GLN A 3 -12.71 -6.87 22.46
N GLU A 4 -13.41 -5.89 21.93
CA GLU A 4 -14.77 -6.06 21.39
C GLU A 4 -14.65 -6.10 19.87
N LEU A 5 -13.53 -5.58 19.35
CA LEU A 5 -13.27 -5.56 17.92
C LEU A 5 -13.16 -6.98 17.42
N SER A 6 -14.02 -7.35 16.49
CA SER A 6 -14.02 -8.70 15.96
C SER A 6 -14.64 -8.75 14.57
N ILE A 7 -14.35 -9.81 13.83
CA ILE A 7 -14.89 -9.95 12.50
C ILE A 7 -16.40 -10.09 12.58
N GLU A 8 -16.88 -10.83 13.58
CA GLU A 8 -18.31 -11.03 13.73
C GLU A 8 -19.03 -9.68 13.89
N ARG A 9 -18.46 -8.79 14.70
CA ARG A 9 -19.06 -7.48 14.93
C ARG A 9 -18.99 -6.59 13.68
N LEU A 10 -17.83 -6.53 13.04
CA LEU A 10 -17.67 -5.72 11.82
C LEU A 10 -18.67 -6.18 10.77
N LEU A 11 -18.92 -7.49 10.76
CA LEU A 11 -19.83 -8.10 9.81
C LEU A 11 -21.25 -7.60 9.96
N GLU A 12 -21.69 -7.34 11.18
CA GLU A 12 -23.04 -6.86 11.37
C GLU A 12 -23.12 -5.37 11.13
N MET A 13 -22.04 -4.66 11.39
CA MET A 13 -22.00 -3.21 11.14
C MET A 13 -22.23 -3.02 9.65
N GLU A 14 -21.50 -3.80 8.85
CA GLU A 14 -21.57 -3.75 7.39
C GLU A 14 -23.01 -3.66 6.91
N SER A 15 -23.91 -4.27 7.68
CA SER A 15 -25.34 -4.30 7.37
C SER A 15 -26.09 -3.02 7.67
N LEU A 16 -25.65 -2.27 8.68
CA LEU A 16 -26.32 -1.02 9.05
C LEU A 16 -26.28 -0.04 7.88
N VAL A 17 -27.27 0.85 7.81
CA VAL A 17 -27.38 1.84 6.73
C VAL A 17 -27.19 3.29 7.18
N ALA A 18 -26.33 4.02 6.46
CA ALA A 18 -26.07 5.42 6.79
C ALA A 18 -27.33 6.25 6.57
N ASP A 19 -27.58 7.19 7.48
CA ASP A 19 -28.76 8.05 7.37
C ASP A 19 -28.55 9.08 6.28
N PRO A 20 -29.64 9.50 5.60
CA PRO A 20 -29.69 10.48 4.51
C PRO A 20 -28.48 11.38 4.33
N SER A 21 -27.35 10.74 4.10
CA SER A 21 -26.03 11.34 3.90
C SER A 21 -25.93 12.88 3.93
N GLU A 22 -25.72 13.44 5.11
CA GLU A 22 -25.58 14.89 5.25
C GLU A 22 -24.40 15.34 4.40
N GLU A 23 -24.70 15.74 3.17
CA GLU A 23 -23.73 16.17 2.17
C GLU A 23 -22.49 16.95 2.63
N PHE A 24 -21.33 16.45 2.21
CA PHE A 24 -20.02 17.05 2.51
C PHE A 24 -19.23 17.02 1.20
N GLN A 25 -18.79 18.19 0.74
CA GLN A 25 -18.07 18.34 -0.52
C GLN A 25 -16.63 17.86 -0.61
N PHE A 26 -16.37 16.59 -0.31
CA PHE A 26 -15.01 16.05 -0.40
C PHE A 26 -14.55 16.14 -1.85
N LEU A 27 -15.45 15.74 -2.74
CA LEU A 27 -15.21 15.75 -4.17
C LEU A 27 -16.22 16.66 -4.86
N ARG A 28 -15.77 17.39 -5.87
CA ARG A 28 -16.67 18.29 -6.59
C ARG A 28 -15.95 18.91 -7.77
N VAL A 29 -16.69 19.27 -8.81
CA VAL A 29 -16.07 19.94 -9.93
C VAL A 29 -16.24 21.40 -9.59
N GLY A 30 -15.13 22.10 -9.44
CA GLY A 30 -15.21 23.49 -9.07
C GLY A 30 -14.93 24.50 -10.16
N PRO A 31 -14.70 25.76 -9.76
CA PRO A 31 -14.43 26.85 -10.70
C PRO A 31 -13.21 26.52 -11.56
N ASP A 32 -13.20 27.05 -12.78
CA ASP A 32 -12.09 26.80 -13.70
C ASP A 32 -11.52 25.40 -13.59
N SER A 33 -12.21 24.45 -14.24
CA SER A 33 -11.79 23.06 -14.24
C SER A 33 -11.45 22.64 -15.66
N ASN A 34 -10.45 21.78 -15.80
CA ASN A 34 -10.04 21.32 -17.10
C ASN A 34 -10.94 20.20 -17.60
N VAL A 35 -12.07 20.00 -16.92
CA VAL A 35 -13.03 18.97 -17.33
C VAL A 35 -13.91 19.64 -18.37
N PRO A 36 -13.77 19.24 -19.64
CA PRO A 36 -14.59 19.84 -20.71
C PRO A 36 -16.06 19.99 -20.36
N PRO A 37 -16.63 21.19 -20.62
CA PRO A 37 -18.02 21.59 -20.38
C PRO A 37 -19.08 20.49 -20.46
N LYS A 38 -19.20 19.85 -21.62
CA LYS A 38 -20.20 18.81 -21.81
C LYS A 38 -20.07 17.61 -20.88
N PHE A 39 -19.09 17.62 -19.99
CA PHE A 39 -18.91 16.50 -19.09
C PHE A 39 -18.95 16.82 -17.61
N ARG A 40 -19.04 18.10 -17.28
CA ARG A 40 -19.08 18.49 -15.88
C ARG A 40 -20.30 17.87 -15.21
N ALA A 41 -21.47 18.03 -15.83
CA ALA A 41 -22.68 17.46 -15.24
C ALA A 41 -22.44 16.02 -14.76
N PRO A 42 -22.04 15.13 -15.68
CA PRO A 42 -21.80 13.72 -15.32
C PRO A 42 -20.75 13.62 -14.21
N VAL A 43 -19.57 14.18 -14.47
CA VAL A 43 -18.46 14.16 -13.51
C VAL A 43 -18.92 14.59 -12.14
N SER A 44 -19.68 15.66 -12.12
CA SER A 44 -20.19 16.22 -10.87
C SER A 44 -21.13 15.27 -10.15
N SER A 45 -21.92 14.51 -10.90
CA SER A 45 -22.86 13.58 -10.27
C SER A 45 -22.11 12.38 -9.70
N LEU A 46 -20.98 12.06 -10.31
CA LEU A 46 -20.17 10.97 -9.82
C LEU A 46 -19.55 11.45 -8.51
N CYS A 47 -19.10 12.70 -8.47
CA CYS A 47 -18.55 13.28 -7.24
C CYS A 47 -19.65 13.23 -6.18
N GLN A 48 -20.86 13.60 -6.58
CA GLN A 48 -21.99 13.59 -5.69
C GLN A 48 -22.07 12.21 -5.04
N ILE A 49 -21.94 11.18 -5.86
CA ILE A 49 -22.02 9.81 -5.36
C ILE A 49 -20.90 9.46 -4.38
N GLY A 50 -19.66 9.69 -4.79
CA GLY A 50 -18.54 9.40 -3.90
C GLY A 50 -18.76 10.10 -2.58
N ASN A 51 -19.12 11.38 -2.65
CA ASN A 51 -19.35 12.15 -1.44
C ASN A 51 -20.29 11.39 -0.53
N LYS A 52 -21.32 10.81 -1.12
CA LYS A 52 -22.28 10.07 -0.32
C LYS A 52 -21.60 8.85 0.32
N GLN A 53 -20.81 8.13 -0.46
CA GLN A 53 -20.11 6.95 0.04
C GLN A 53 -19.17 7.35 1.19
N ILE A 54 -18.39 8.40 0.96
CA ILE A 54 -17.46 8.85 2.01
C ILE A 54 -18.18 9.09 3.33
N ALA A 55 -19.33 9.74 3.27
CA ALA A 55 -20.07 10.02 4.49
C ALA A 55 -20.45 8.72 5.17
N ALA A 56 -20.90 7.76 4.39
CA ALA A 56 -21.30 6.47 4.93
C ALA A 56 -20.09 5.80 5.54
N LEU A 57 -18.93 6.10 4.98
CA LEU A 57 -17.67 5.54 5.43
C LEU A 57 -17.28 6.18 6.76
N VAL A 58 -17.44 7.49 6.84
CA VAL A 58 -17.10 8.19 8.04
C VAL A 58 -17.96 7.69 9.19
N VAL A 59 -19.20 7.34 8.88
CA VAL A 59 -20.10 6.85 9.92
C VAL A 59 -19.78 5.42 10.30
N TRP A 60 -19.21 4.66 9.37
CA TRP A 60 -18.85 3.28 9.63
C TRP A 60 -17.66 3.28 10.58
N ALA A 61 -16.63 4.06 10.24
CA ALA A 61 -15.44 4.13 11.07
C ALA A 61 -15.80 4.49 12.52
N ARG A 62 -16.68 5.46 12.68
CA ARG A 62 -17.09 5.92 13.99
C ARG A 62 -17.54 4.78 14.92
N ASP A 63 -18.53 4.00 14.49
CA ASP A 63 -19.03 2.91 15.32
C ASP A 63 -18.12 1.70 15.43
N ILE A 64 -16.94 1.77 14.84
CA ILE A 64 -16.02 0.62 14.93
C ILE A 64 -15.49 0.52 16.35
N PRO A 65 -15.64 -0.66 16.97
CA PRO A 65 -15.18 -0.90 18.34
C PRO A 65 -13.88 -0.16 18.68
N HIS A 66 -13.93 0.62 19.75
CA HIS A 66 -12.79 1.39 20.23
C HIS A 66 -12.30 2.53 19.33
N PHE A 67 -12.79 2.59 18.10
CA PHE A 67 -12.33 3.64 17.19
C PHE A 67 -12.57 5.01 17.80
N SER A 68 -13.80 5.27 18.23
CA SER A 68 -14.16 6.56 18.81
C SER A 68 -13.53 6.78 20.18
N GLN A 69 -12.92 5.73 20.73
CA GLN A 69 -12.23 5.85 22.01
C GLN A 69 -10.84 6.41 21.73
N LEU A 70 -10.53 6.60 20.44
CA LEU A 70 -9.24 7.14 20.03
C LEU A 70 -9.32 8.65 20.14
N GLU A 71 -8.18 9.32 20.13
CA GLU A 71 -8.14 10.76 20.20
C GLU A 71 -8.78 11.29 18.92
N MET A 72 -9.55 12.38 19.02
CA MET A 72 -10.20 12.93 17.85
C MET A 72 -9.23 13.27 16.71
N GLU A 73 -8.07 13.83 17.05
CA GLU A 73 -7.08 14.17 16.03
C GLU A 73 -6.78 12.93 15.18
N ASP A 74 -6.61 11.79 15.84
CA ASP A 74 -6.30 10.54 15.14
C ASP A 74 -7.49 9.99 14.34
N GLN A 75 -8.68 9.99 14.95
CA GLN A 75 -9.89 9.52 14.24
C GLN A 75 -9.97 10.22 12.88
N ILE A 76 -9.60 11.50 12.86
CA ILE A 76 -9.61 12.30 11.66
C ILE A 76 -8.52 11.85 10.68
N LEU A 77 -7.27 11.92 11.11
CA LEU A 77 -6.13 11.54 10.28
C LEU A 77 -6.28 10.15 9.63
N LEU A 78 -6.85 9.22 10.40
CA LEU A 78 -7.05 7.86 9.91
C LEU A 78 -8.04 7.80 8.75
N ILE A 79 -9.21 8.38 8.93
CA ILE A 79 -10.22 8.39 7.88
C ILE A 79 -9.68 9.22 6.73
N LYS A 80 -9.03 10.32 7.07
CA LYS A 80 -8.45 11.18 6.07
C LYS A 80 -7.49 10.42 5.16
N GLY A 81 -6.67 9.55 5.75
CA GLY A 81 -5.70 8.82 4.95
C GLY A 81 -6.17 7.57 4.24
N SER A 82 -7.33 7.03 4.62
CA SER A 82 -7.82 5.81 4.00
C SER A 82 -9.15 5.87 3.24
N TRP A 83 -9.85 7.02 3.24
CA TRP A 83 -11.16 7.05 2.56
C TRP A 83 -11.07 6.66 1.08
N ASN A 84 -10.05 7.16 0.39
CA ASN A 84 -9.89 6.83 -1.02
C ASN A 84 -9.70 5.34 -1.25
N GLU A 85 -8.74 4.73 -0.54
CA GLU A 85 -8.53 3.29 -0.71
C GLU A 85 -9.80 2.51 -0.37
N LEU A 86 -10.57 2.97 0.60
CA LEU A 86 -11.79 2.26 0.99
C LEU A 86 -12.89 2.35 -0.07
N LEU A 87 -12.94 3.45 -0.80
CA LEU A 87 -13.95 3.58 -1.86
C LEU A 87 -13.59 2.58 -2.92
N LEU A 88 -12.35 2.67 -3.42
CA LEU A 88 -11.85 1.76 -4.44
C LEU A 88 -12.03 0.29 -4.07
N PHE A 89 -11.71 -0.04 -2.81
CA PHE A 89 -11.83 -1.43 -2.37
C PHE A 89 -13.29 -1.85 -2.45
N ALA A 90 -14.18 -0.93 -2.09
CA ALA A 90 -15.61 -1.16 -2.13
C ALA A 90 -16.08 -1.24 -3.59
N ILE A 91 -15.49 -0.43 -4.45
CA ILE A 91 -15.88 -0.48 -5.83
C ILE A 91 -15.52 -1.85 -6.35
N ALA A 92 -14.29 -2.29 -6.05
CA ALA A 92 -13.83 -3.60 -6.50
C ALA A 92 -14.64 -4.75 -5.93
N TRP A 93 -15.06 -4.66 -4.68
CA TRP A 93 -15.85 -5.75 -4.08
C TRP A 93 -17.18 -5.85 -4.84
N ARG A 94 -17.81 -4.68 -4.97
CA ARG A 94 -19.09 -4.53 -5.63
C ARG A 94 -19.02 -4.92 -7.12
N SER A 95 -17.87 -4.67 -7.75
CA SER A 95 -17.67 -4.97 -9.16
C SER A 95 -17.53 -6.44 -9.53
N MET A 96 -17.26 -7.30 -8.56
CA MET A 96 -17.10 -8.73 -8.84
C MET A 96 -18.33 -9.35 -9.50
N GLU A 97 -19.52 -8.92 -9.09
CA GLU A 97 -20.76 -9.44 -9.66
C GLU A 97 -20.86 -9.27 -11.17
N PHE A 98 -20.18 -8.28 -11.72
CA PHE A 98 -20.23 -7.99 -13.17
C PHE A 98 -19.04 -8.53 -13.97
N LEU A 99 -18.41 -9.59 -13.47
CA LEU A 99 -17.25 -10.18 -14.15
C LEU A 99 -17.61 -11.27 -15.17
N THR A 100 -16.77 -11.39 -16.19
CA THR A 100 -16.91 -12.38 -17.28
C THR A 100 -17.60 -11.78 -18.50
N SER A 115 -11.36 -10.80 -23.92
CA SER A 115 -11.70 -9.43 -23.57
C SER A 115 -11.71 -9.18 -22.06
N PRO A 116 -11.12 -8.07 -21.61
CA PRO A 116 -11.07 -7.73 -20.17
C PRO A 116 -12.45 -7.39 -19.63
N PRO A 117 -12.58 -7.32 -18.30
CA PRO A 117 -13.88 -6.97 -17.72
C PRO A 117 -14.30 -5.66 -18.35
N GLN A 118 -15.59 -5.42 -18.44
CA GLN A 118 -16.05 -4.18 -19.07
C GLN A 118 -16.87 -3.30 -18.14
N LEU A 119 -17.36 -3.88 -17.03
CA LEU A 119 -18.18 -3.12 -16.10
C LEU A 119 -17.62 -2.90 -14.70
N MET A 120 -17.65 -1.67 -14.24
CA MET A 120 -17.22 -1.32 -12.89
C MET A 120 -18.48 -0.79 -12.19
N CYS A 121 -18.74 -1.30 -11.00
CA CYS A 121 -19.91 -0.89 -10.24
C CYS A 121 -19.60 0.13 -9.14
N LEU A 122 -19.89 1.40 -9.41
CA LEU A 122 -19.64 2.46 -8.44
C LEU A 122 -20.68 2.49 -7.32
N MET A 123 -21.82 1.84 -7.55
CA MET A 123 -22.88 1.79 -6.56
C MET A 123 -23.98 0.87 -7.07
N PRO A 124 -24.82 0.35 -6.17
CA PRO A 124 -25.91 -0.54 -6.58
C PRO A 124 -26.74 0.06 -7.71
N GLY A 125 -26.91 -0.67 -8.80
CA GLY A 125 -27.69 -0.13 -9.91
C GLY A 125 -27.00 1.07 -10.52
N MET A 126 -25.70 0.92 -10.73
CA MET A 126 -24.92 1.97 -11.32
C MET A 126 -23.57 1.37 -11.65
N THR A 127 -23.19 1.44 -12.92
CA THR A 127 -21.93 0.90 -13.37
C THR A 127 -21.26 1.80 -14.37
N LEU A 128 -19.94 1.80 -14.33
CA LEU A 128 -19.13 2.59 -15.23
C LEU A 128 -18.73 1.61 -16.32
N HIS A 129 -18.77 2.04 -17.58
CA HIS A 129 -18.37 1.13 -18.64
C HIS A 129 -16.95 1.48 -19.03
N ARG A 130 -16.16 0.45 -19.32
CA ARG A 130 -14.77 0.64 -19.69
C ARG A 130 -14.59 1.72 -20.74
N ASN A 131 -15.49 1.76 -21.71
CA ASN A 131 -15.37 2.77 -22.76
C ASN A 131 -15.45 4.18 -22.21
N SER A 132 -16.29 4.39 -21.19
CA SER A 132 -16.37 5.72 -20.61
C SER A 132 -15.03 6.00 -19.94
N ALA A 133 -14.44 4.97 -19.35
CA ALA A 133 -13.14 5.11 -18.70
C ALA A 133 -12.10 5.47 -19.75
N LEU A 134 -12.14 4.79 -20.90
CA LEU A 134 -11.21 5.06 -22.00
C LEU A 134 -11.28 6.51 -22.43
N GLN A 135 -12.48 6.97 -22.74
CA GLN A 135 -12.67 8.35 -23.17
C GLN A 135 -12.19 9.32 -22.09
N ALA A 136 -12.37 8.92 -20.84
CA ALA A 136 -11.96 9.73 -19.69
C ALA A 136 -10.45 9.75 -19.54
N GLY A 137 -9.77 8.86 -20.27
CA GLY A 137 -8.32 8.79 -20.19
C GLY A 137 -7.85 8.00 -18.97
N VAL A 138 -8.80 7.39 -18.27
CA VAL A 138 -8.52 6.61 -17.07
C VAL A 138 -8.60 5.09 -17.31
N GLY A 139 -8.31 4.67 -18.54
CA GLY A 139 -8.37 3.26 -18.88
C GLY A 139 -7.57 2.30 -18.02
N GLN A 140 -6.28 2.57 -17.82
CA GLN A 140 -5.44 1.68 -17.03
C GLN A 140 -5.93 1.47 -15.60
N ILE A 141 -6.13 2.56 -14.88
CA ILE A 141 -6.59 2.45 -13.50
C ILE A 141 -7.89 1.66 -13.42
N PHE A 142 -8.76 1.85 -14.40
CA PHE A 142 -10.03 1.14 -14.46
C PHE A 142 -9.74 -0.36 -14.61
N ASP A 143 -8.72 -0.70 -15.40
CA ASP A 143 -8.39 -2.09 -15.60
C ASP A 143 -7.66 -2.72 -14.43
N ARG A 144 -6.77 -1.95 -13.79
CA ARG A 144 -6.06 -2.44 -12.64
C ARG A 144 -7.07 -2.77 -11.53
N VAL A 145 -8.03 -1.87 -11.31
CA VAL A 145 -9.03 -2.10 -10.29
C VAL A 145 -9.79 -3.41 -10.51
N LEU A 146 -10.20 -3.66 -11.76
CA LEU A 146 -10.96 -4.87 -12.06
C LEU A 146 -10.19 -6.20 -12.05
N SER A 147 -8.87 -6.16 -12.29
CA SER A 147 -8.07 -7.39 -12.30
C SER A 147 -7.25 -7.60 -11.03
N GLU A 148 -6.52 -6.57 -10.61
CA GLU A 148 -5.69 -6.64 -9.40
C GLU A 148 -6.51 -6.77 -8.14
N LEU A 149 -7.73 -6.25 -8.19
CA LEU A 149 -8.63 -6.29 -7.05
C LEU A 149 -9.81 -7.21 -7.25
N SER A 150 -10.72 -6.81 -8.14
CA SER A 150 -11.94 -7.59 -8.39
C SER A 150 -11.73 -9.03 -8.84
N LEU A 151 -11.03 -9.21 -9.95
CA LEU A 151 -10.80 -10.56 -10.46
C LEU A 151 -10.01 -11.40 -9.45
N LYS A 152 -8.91 -10.84 -8.94
CA LYS A 152 -8.09 -11.56 -7.97
C LYS A 152 -8.89 -11.97 -6.73
N MET A 153 -9.81 -11.12 -6.28
CA MET A 153 -10.59 -11.47 -5.11
C MET A 153 -11.58 -12.58 -5.42
N ARG A 154 -12.07 -12.62 -6.67
CA ARG A 154 -13.00 -13.67 -7.05
C ARG A 154 -12.20 -14.98 -7.06
N THR A 155 -11.07 -14.94 -7.77
CA THR A 155 -10.18 -16.10 -7.86
C THR A 155 -9.84 -16.57 -6.46
N LEU A 156 -9.31 -15.64 -5.66
CA LEU A 156 -8.93 -15.95 -4.29
C LEU A 156 -10.17 -16.38 -3.52
N ARG A 157 -11.34 -16.13 -4.10
CA ARG A 157 -12.59 -16.51 -3.47
C ARG A 157 -12.66 -15.91 -2.06
N VAL A 158 -12.45 -14.61 -1.94
CA VAL A 158 -12.50 -13.95 -0.63
C VAL A 158 -13.93 -13.63 -0.23
N ASP A 159 -14.32 -14.07 0.96
CA ASP A 159 -15.67 -13.86 1.46
C ASP A 159 -15.82 -12.57 2.27
N GLN A 160 -17.08 -12.24 2.58
CA GLN A 160 -17.42 -11.04 3.33
C GLN A 160 -16.64 -10.87 4.63
N ALA A 161 -16.46 -11.96 5.37
CA ALA A 161 -15.72 -11.90 6.64
C ALA A 161 -14.33 -11.35 6.41
N GLU A 162 -13.66 -11.85 5.38
CA GLU A 162 -12.32 -11.38 5.08
C GLU A 162 -12.41 -9.95 4.53
N TYR A 163 -13.50 -9.66 3.82
CA TYR A 163 -13.69 -8.34 3.25
C TYR A 163 -13.75 -7.28 4.35
N VAL A 164 -14.57 -7.50 5.38
CA VAL A 164 -14.70 -6.54 6.46
C VAL A 164 -13.39 -6.41 7.22
N ALA A 165 -12.76 -7.54 7.53
CA ALA A 165 -11.50 -7.54 8.25
C ALA A 165 -10.50 -6.62 7.54
N LEU A 166 -10.33 -6.83 6.23
CA LEU A 166 -9.41 -6.01 5.46
C LEU A 166 -9.75 -4.53 5.54
N LYS A 167 -11.04 -4.19 5.50
CA LYS A 167 -11.45 -2.80 5.58
C LYS A 167 -10.89 -2.22 6.87
N ALA A 168 -11.17 -2.90 7.98
CA ALA A 168 -10.70 -2.50 9.29
C ALA A 168 -9.18 -2.30 9.30
N ILE A 169 -8.47 -3.25 8.70
CA ILE A 169 -7.00 -3.18 8.64
C ILE A 169 -6.53 -1.98 7.81
N ILE A 170 -7.24 -1.69 6.73
CA ILE A 170 -6.88 -0.56 5.89
C ILE A 170 -7.08 0.73 6.68
N LEU A 171 -8.18 0.79 7.41
CA LEU A 171 -8.54 1.97 8.20
C LEU A 171 -7.51 2.24 9.29
N LEU A 172 -7.37 1.25 10.17
CA LEU A 172 -6.47 1.32 11.32
C LEU A 172 -4.99 1.23 10.91
N ASN A 173 -4.51 2.22 10.17
CA ASN A 173 -3.13 2.25 9.75
C ASN A 173 -2.29 3.10 10.68
N PRO A 174 -1.53 2.46 11.58
CA PRO A 174 -0.69 3.20 12.53
C PRO A 174 0.47 3.97 11.89
N ASP A 175 0.78 3.67 10.64
CA ASP A 175 1.88 4.36 10.00
C ASP A 175 1.48 5.75 9.56
N VAL A 176 0.20 6.08 9.71
CA VAL A 176 -0.29 7.40 9.33
C VAL A 176 0.48 8.53 9.98
N LYS A 177 1.26 9.23 9.17
CA LYS A 177 2.08 10.36 9.61
C LYS A 177 1.21 11.40 10.29
N GLY A 178 1.56 11.81 11.50
CA GLY A 178 0.79 12.82 12.20
C GLY A 178 -0.01 12.41 13.42
N LEU A 179 -0.28 11.13 13.58
CA LEU A 179 -1.05 10.65 14.74
C LEU A 179 -0.37 11.02 16.07
N LYS A 180 -1.17 11.23 17.11
CA LYS A 180 -0.58 11.55 18.40
C LYS A 180 -0.51 10.31 19.29
N ASN A 181 -1.19 9.24 18.89
CA ASN A 181 -1.18 8.00 19.66
C ASN A 181 -1.07 6.74 18.83
N ARG A 182 0.09 6.59 18.20
CA ARG A 182 0.41 5.45 17.37
C ARG A 182 0.15 4.13 18.08
N GLN A 183 0.61 4.00 19.32
CA GLN A 183 0.41 2.77 20.08
C GLN A 183 -1.05 2.33 20.10
N GLU A 184 -1.96 3.26 20.37
CA GLU A 184 -3.39 2.94 20.42
C GLU A 184 -3.91 2.43 19.06
N VAL A 185 -3.38 2.99 17.98
CA VAL A 185 -3.80 2.56 16.66
C VAL A 185 -3.19 1.19 16.37
N GLU A 186 -1.99 0.94 16.89
CA GLU A 186 -1.34 -0.36 16.69
C GLU A 186 -2.10 -1.48 17.37
N VAL A 187 -2.38 -1.33 18.66
CA VAL A 187 -3.10 -2.36 19.37
C VAL A 187 -4.34 -2.79 18.59
N LEU A 188 -5.03 -1.81 18.00
CA LEU A 188 -6.24 -2.10 17.21
C LEU A 188 -5.94 -2.83 15.90
N ARG A 189 -4.93 -2.41 15.16
CA ARG A 189 -4.63 -3.12 13.92
C ARG A 189 -4.13 -4.53 14.18
N GLU A 190 -3.34 -4.68 15.23
CA GLU A 190 -2.79 -5.99 15.58
C GLU A 190 -3.91 -6.96 15.99
N LYS A 191 -4.90 -6.43 16.69
CA LYS A 191 -6.02 -7.26 17.11
C LYS A 191 -6.72 -7.71 15.84
N MET A 192 -6.68 -6.88 14.82
CA MET A 192 -7.30 -7.23 13.56
C MET A 192 -6.55 -8.37 12.89
N PHE A 193 -5.22 -8.30 12.86
CA PHE A 193 -4.40 -9.37 12.28
C PHE A 193 -4.72 -10.67 13.02
N LEU A 194 -4.76 -10.61 14.35
CA LEU A 194 -5.07 -11.77 15.15
C LEU A 194 -6.40 -12.31 14.69
N CYS A 195 -7.40 -11.44 14.57
CA CYS A 195 -8.72 -11.87 14.11
C CYS A 195 -8.71 -12.50 12.73
N LEU A 196 -8.08 -11.85 11.77
CA LEU A 196 -8.05 -12.36 10.40
C LEU A 196 -7.36 -13.72 10.34
N ASP A 197 -6.25 -13.86 11.05
CA ASP A 197 -5.51 -15.12 11.08
C ASP A 197 -6.37 -16.24 11.68
N GLU A 198 -7.02 -15.95 12.79
CA GLU A 198 -7.90 -16.94 13.42
C GLU A 198 -8.99 -17.37 12.44
N TYR A 199 -9.62 -16.40 11.75
CA TYR A 199 -10.68 -16.73 10.81
C TYR A 199 -10.18 -17.69 9.74
N CYS A 200 -9.05 -17.36 9.13
CA CYS A 200 -8.49 -18.21 8.09
C CYS A 200 -8.15 -19.63 8.53
N ARG A 201 -7.59 -19.79 9.72
CA ARG A 201 -7.22 -21.13 10.14
C ARG A 201 -8.34 -21.95 10.77
N ARG A 202 -9.49 -21.32 11.01
CA ARG A 202 -10.63 -22.03 11.62
C ARG A 202 -11.79 -22.19 10.63
N SER A 203 -11.58 -21.76 9.39
CA SER A 203 -12.61 -21.85 8.35
C SER A 203 -11.96 -22.25 7.03
N ARG A 204 -11.18 -21.33 6.47
CA ARG A 204 -10.47 -21.57 5.22
C ARG A 204 -9.37 -22.62 5.45
N SER A 205 -9.29 -23.08 6.69
CA SER A 205 -8.32 -24.08 7.17
C SER A 205 -7.37 -24.69 6.14
N SER A 206 -7.92 -25.42 5.19
CA SER A 206 -7.10 -26.08 4.17
C SER A 206 -6.16 -25.13 3.42
N GLU A 207 -6.68 -23.96 3.05
CA GLU A 207 -5.89 -22.99 2.30
C GLU A 207 -4.69 -22.39 3.03
N GLU A 208 -3.51 -22.89 2.69
CA GLU A 208 -2.27 -22.39 3.28
C GLU A 208 -1.89 -21.10 2.55
N GLY A 209 -1.07 -20.29 3.19
CA GLY A 209 -0.63 -19.04 2.58
C GLY A 209 -1.75 -18.09 2.27
N ARG A 210 -2.91 -18.29 2.89
CA ARG A 210 -4.05 -17.42 2.65
C ARG A 210 -3.90 -16.06 3.33
N PHE A 211 -3.55 -16.07 4.62
CA PHE A 211 -3.37 -14.82 5.36
C PHE A 211 -2.53 -13.84 4.54
N ALA A 212 -1.42 -14.32 3.98
CA ALA A 212 -0.58 -13.46 3.18
C ALA A 212 -1.22 -13.16 1.82
N ALA A 213 -1.99 -14.10 1.28
CA ALA A 213 -2.61 -13.89 -0.02
C ALA A 213 -3.62 -12.74 0.07
N LEU A 214 -4.37 -12.70 1.18
CA LEU A 214 -5.34 -11.64 1.38
C LEU A 214 -4.58 -10.32 1.50
N LEU A 215 -3.77 -10.23 2.55
CA LEU A 215 -2.99 -9.03 2.83
C LEU A 215 -2.17 -8.53 1.64
N LEU A 216 -1.95 -9.37 0.63
CA LEU A 216 -1.18 -8.94 -0.52
C LEU A 216 -1.97 -8.02 -1.45
N ARG A 217 -3.27 -7.86 -1.18
CA ARG A 217 -4.11 -6.99 -1.98
C ARG A 217 -3.91 -5.54 -1.54
N LEU A 218 -3.58 -5.36 -0.26
CA LEU A 218 -3.38 -4.03 0.31
C LEU A 218 -2.35 -3.15 -0.44
N PRO A 219 -1.17 -3.68 -0.76
CA PRO A 219 -0.30 -2.74 -1.46
C PRO A 219 -0.81 -2.50 -2.89
N ALA A 220 -1.60 -3.44 -3.40
CA ALA A 220 -2.18 -3.30 -4.73
C ALA A 220 -3.22 -2.18 -4.62
N LEU A 221 -4.04 -2.25 -3.58
CA LEU A 221 -5.05 -1.24 -3.35
C LEU A 221 -4.37 0.13 -3.23
N ARG A 222 -3.20 0.17 -2.58
CA ARG A 222 -2.48 1.42 -2.38
C ARG A 222 -1.98 2.03 -3.67
N SER A 223 -1.34 1.25 -4.52
CA SER A 223 -0.84 1.82 -5.77
C SER A 223 -1.98 2.42 -6.57
N ILE A 224 -3.05 1.64 -6.76
CA ILE A 224 -4.22 2.10 -7.50
C ILE A 224 -4.76 3.38 -6.87
N SER A 225 -4.90 3.38 -5.56
CA SER A 225 -5.39 4.56 -4.86
C SER A 225 -4.55 5.78 -5.19
N LEU A 226 -3.23 5.62 -5.17
CA LEU A 226 -2.33 6.74 -5.48
C LEU A 226 -2.52 7.23 -6.92
N LYS A 227 -2.71 6.31 -7.85
CA LYS A 227 -2.90 6.70 -9.24
C LYS A 227 -4.20 7.51 -9.36
N SER A 228 -5.20 7.13 -8.56
CA SER A 228 -6.49 7.83 -8.53
C SER A 228 -6.29 9.29 -8.19
N PHE A 229 -5.58 9.55 -7.11
CA PHE A 229 -5.32 10.91 -6.69
C PHE A 229 -4.58 11.67 -7.77
N GLU A 230 -3.77 10.95 -8.55
CA GLU A 230 -3.06 11.59 -9.62
C GLU A 230 -4.12 12.26 -10.51
N HIS A 231 -5.14 11.50 -10.89
CA HIS A 231 -6.20 12.00 -11.75
C HIS A 231 -7.12 13.02 -11.08
N LEU A 232 -7.64 12.68 -9.90
CA LEU A 232 -8.54 13.59 -9.21
C LEU A 232 -7.92 14.97 -9.01
N PHE A 233 -6.63 15.00 -8.65
CA PHE A 233 -5.94 16.26 -8.43
C PHE A 233 -5.67 16.99 -9.74
N PHE A 234 -5.42 16.21 -10.80
CA PHE A 234 -5.18 16.74 -12.13
C PHE A 234 -6.41 17.52 -12.62
N PHE A 235 -7.59 16.96 -12.36
CA PHE A 235 -8.85 17.57 -12.77
C PHE A 235 -9.49 18.44 -11.69
N HIS A 236 -8.70 18.80 -10.68
CA HIS A 236 -9.18 19.62 -9.57
C HIS A 236 -10.51 19.19 -8.97
N LEU A 237 -10.64 17.92 -8.65
CA LEU A 237 -11.88 17.39 -8.09
C LEU A 237 -11.85 17.28 -6.56
N VAL A 238 -10.66 17.19 -6.00
CA VAL A 238 -10.51 17.07 -4.56
C VAL A 238 -10.48 18.42 -3.88
N ALA A 239 -11.00 18.45 -2.66
CA ALA A 239 -11.03 19.64 -1.84
C ALA A 239 -10.11 19.30 -0.67
N ASP A 240 -8.85 19.00 -0.98
CA ASP A 240 -7.88 18.62 0.04
C ASP A 240 -7.92 19.56 1.22
N THR A 241 -7.92 20.85 0.92
CA THR A 241 -7.96 21.89 1.93
C THR A 241 -9.04 21.69 2.99
N SER A 242 -10.15 21.07 2.60
CA SER A 242 -11.27 20.91 3.53
C SER A 242 -11.64 19.51 4.02
N ILE A 243 -10.93 18.49 3.57
CA ILE A 243 -11.21 17.11 3.97
C ILE A 243 -11.27 16.95 5.50
N ALA A 244 -10.14 17.18 6.16
CA ALA A 244 -10.06 17.06 7.61
C ALA A 244 -11.29 17.67 8.26
N GLY A 245 -11.57 18.92 7.89
CA GLY A 245 -12.71 19.63 8.43
C GLY A 245 -14.01 18.86 8.28
N TYR A 246 -14.25 18.34 7.06
CA TYR A 246 -15.47 17.57 6.79
C TYR A 246 -15.57 16.34 7.66
N ILE A 247 -14.45 15.67 7.88
CA ILE A 247 -14.46 14.47 8.69
C ILE A 247 -14.76 14.86 10.12
N ARG A 248 -14.11 15.92 10.59
CA ARG A 248 -14.33 16.38 11.96
C ARG A 248 -15.83 16.58 12.23
N ASP A 249 -16.51 17.34 11.38
CA ASP A 249 -17.95 17.58 11.57
C ASP A 249 -18.80 16.32 11.36
N ALA A 250 -18.46 15.53 10.36
CA ALA A 250 -19.23 14.31 10.08
C ALA A 250 -19.23 13.40 11.29
N LEU A 251 -18.07 13.20 11.90
CA LEU A 251 -17.98 12.34 13.06
C LEU A 251 -18.93 12.77 14.16
N ARG A 252 -18.89 14.06 14.46
CA ARG A 252 -19.72 14.66 15.51
C ARG A 252 -21.21 14.84 15.22
N ASN A 253 -21.52 15.45 14.07
CA ASN A 253 -22.91 15.75 13.71
C ASN A 253 -23.75 14.70 12.99
N HIS A 254 -23.15 13.97 12.06
CA HIS A 254 -23.89 12.96 11.31
C HIS A 254 -24.77 12.10 12.21
N ALA A 255 -25.69 11.36 11.60
CA ALA A 255 -26.58 10.51 12.37
C ALA A 255 -26.15 9.05 12.25
N PRO A 256 -26.43 8.25 13.29
CA PRO A 256 -26.06 6.83 13.26
C PRO A 256 -26.96 5.97 12.37
N PRO A 257 -26.39 4.95 11.73
CA PRO A 257 -27.04 3.98 10.84
C PRO A 257 -28.29 3.30 11.37
N ILE A 258 -28.86 2.40 10.57
CA ILE A 258 -30.08 1.67 10.91
C ILE A 258 -29.90 0.15 10.78
N VAL B 20 4.39 -27.12 15.91
CA VAL B 20 5.28 -26.04 15.38
C VAL B 20 6.16 -26.58 14.25
N PRO B 21 5.56 -26.79 13.07
CA PRO B 21 6.27 -27.30 11.88
C PRO B 21 7.60 -26.58 11.64
N PRO B 22 8.72 -27.29 11.85
CA PRO B 22 10.05 -26.72 11.65
C PRO B 22 10.35 -26.28 10.22
N LEU B 23 11.45 -25.56 10.05
CA LEU B 23 11.85 -25.08 8.74
C LEU B 23 12.49 -26.25 7.99
N THR B 24 11.93 -26.58 6.82
CA THR B 24 12.48 -27.66 6.02
C THR B 24 13.92 -27.32 5.67
N ALA B 25 14.77 -28.33 5.58
CA ALA B 25 16.18 -28.10 5.25
C ALA B 25 16.31 -27.19 4.04
N ASN B 26 15.27 -27.18 3.23
CA ASN B 26 15.25 -26.38 2.02
C ASN B 26 15.07 -24.88 2.33
N GLN B 27 14.22 -24.59 3.32
CA GLN B 27 13.96 -23.21 3.73
C GLN B 27 15.14 -22.65 4.53
N LYS B 28 15.72 -23.49 5.38
CA LYS B 28 16.86 -23.06 6.19
C LYS B 28 18.04 -22.72 5.29
N SER B 29 18.20 -23.44 4.19
CA SER B 29 19.31 -23.16 3.29
C SER B 29 19.03 -21.84 2.60
N LEU B 30 17.75 -21.59 2.36
CA LEU B 30 17.33 -20.36 1.71
C LEU B 30 17.59 -19.16 2.62
N ILE B 31 17.20 -19.27 3.89
CA ILE B 31 17.43 -18.16 4.80
C ILE B 31 18.93 -17.86 4.83
N ALA B 32 19.70 -18.91 5.10
CA ALA B 32 21.16 -18.84 5.17
C ALA B 32 21.76 -18.15 3.95
N ARG B 33 21.29 -18.57 2.78
CA ARG B 33 21.77 -18.01 1.54
C ARG B 33 21.54 -16.50 1.49
N LEU B 34 20.31 -16.08 1.74
CA LEU B 34 19.98 -14.66 1.72
C LEU B 34 20.71 -13.84 2.75
N VAL B 35 20.71 -14.28 4.01
CA VAL B 35 21.41 -13.52 5.03
C VAL B 35 22.89 -13.37 4.65
N TYR B 36 23.43 -14.41 4.02
CA TYR B 36 24.83 -14.41 3.58
C TYR B 36 25.13 -13.34 2.52
N TYR B 37 24.32 -13.29 1.47
CA TYR B 37 24.57 -12.32 0.41
C TYR B 37 24.18 -10.89 0.76
N GLN B 38 23.27 -10.72 1.70
CA GLN B 38 22.85 -9.37 2.08
C GLN B 38 24.05 -8.61 2.65
N GLU B 39 24.83 -9.27 3.51
CA GLU B 39 26.01 -8.64 4.08
C GLU B 39 26.96 -8.19 2.99
N GLY B 40 27.15 -9.05 1.98
CA GLY B 40 28.05 -8.72 0.89
C GLY B 40 27.49 -7.72 -0.09
N TYR B 41 26.47 -6.98 0.32
CA TYR B 41 25.85 -5.97 -0.55
C TYR B 41 25.44 -4.73 0.24
N GLU B 42 26.03 -4.56 1.42
CA GLU B 42 25.72 -3.40 2.29
C GLU B 42 25.69 -2.08 1.50
N GLN B 43 26.86 -1.45 1.40
CA GLN B 43 26.99 -0.18 0.69
C GLN B 43 28.24 -0.20 -0.20
N MET B 67 26.32 20.20 -7.21
CA MET B 67 27.39 19.50 -6.48
C MET B 67 26.82 18.43 -5.54
N PRO B 68 25.82 18.79 -4.73
CA PRO B 68 25.24 17.82 -3.81
C PRO B 68 24.54 16.70 -4.59
N PHE B 69 23.53 17.08 -5.35
CA PHE B 69 22.74 16.16 -6.18
C PHE B 69 23.65 15.22 -6.96
N ARG B 70 24.83 15.73 -7.32
CA ARG B 70 25.82 14.97 -8.07
C ARG B 70 26.20 13.71 -7.29
N GLN B 71 26.40 13.86 -5.98
CA GLN B 71 26.77 12.73 -5.14
C GLN B 71 25.63 11.70 -5.19
N ILE B 72 24.56 12.00 -4.46
CA ILE B 72 23.38 11.16 -4.39
C ILE B 72 23.24 10.29 -5.64
N THR B 73 22.85 10.91 -6.74
CA THR B 73 22.65 10.22 -8.02
C THR B 73 23.69 9.13 -8.32
N GLU B 74 24.92 9.32 -7.87
CA GLU B 74 25.96 8.34 -8.13
C GLU B 74 25.89 7.21 -7.11
N MET B 75 25.84 7.55 -5.83
CA MET B 75 25.76 6.53 -4.79
C MET B 75 24.55 5.63 -5.00
N THR B 76 23.42 6.25 -5.36
CA THR B 76 22.20 5.49 -5.60
C THR B 76 22.48 4.43 -6.64
N ILE B 77 23.11 4.83 -7.74
CA ILE B 77 23.46 3.92 -8.81
C ILE B 77 24.24 2.73 -8.26
N LEU B 78 25.22 2.99 -7.40
CA LEU B 78 26.00 1.89 -6.84
C LEU B 78 25.10 0.89 -6.12
N THR B 79 24.30 1.39 -5.18
CA THR B 79 23.39 0.50 -4.45
C THR B 79 22.37 -0.14 -5.39
N VAL B 80 21.82 0.64 -6.33
CA VAL B 80 20.85 0.09 -7.27
C VAL B 80 21.45 -1.11 -8.00
N GLN B 81 22.78 -1.13 -8.09
CA GLN B 81 23.49 -2.22 -8.76
C GLN B 81 23.61 -3.41 -7.80
N LEU B 82 23.79 -3.10 -6.53
CA LEU B 82 23.88 -4.12 -5.49
C LEU B 82 22.53 -4.83 -5.40
N ILE B 83 21.47 -4.05 -5.58
CA ILE B 83 20.11 -4.56 -5.53
C ILE B 83 19.87 -5.47 -6.72
N VAL B 84 20.26 -5.00 -7.90
CA VAL B 84 20.08 -5.79 -9.11
C VAL B 84 20.83 -7.12 -9.02
N GLU B 85 22.01 -7.08 -8.40
CA GLU B 85 22.80 -8.30 -8.27
C GLU B 85 22.19 -9.24 -7.23
N PHE B 86 21.70 -8.67 -6.12
CA PHE B 86 21.07 -9.46 -5.07
C PHE B 86 19.84 -10.14 -5.67
N ALA B 87 19.12 -9.39 -6.48
CA ALA B 87 17.92 -9.90 -7.14
C ALA B 87 18.22 -11.06 -8.08
N LYS B 88 19.17 -10.87 -9.00
CA LYS B 88 19.53 -11.90 -9.97
C LYS B 88 19.98 -13.20 -9.29
N GLY B 89 20.60 -13.10 -8.12
CA GLY B 89 21.06 -14.28 -7.41
C GLY B 89 19.99 -14.87 -6.51
N LEU B 90 18.75 -14.45 -6.74
CA LEU B 90 17.63 -14.91 -5.93
C LEU B 90 16.95 -16.12 -6.53
N PRO B 91 16.95 -17.24 -5.80
CA PRO B 91 16.32 -18.46 -6.29
C PRO B 91 14.94 -18.15 -6.89
N GLY B 92 14.83 -18.36 -8.21
CA GLY B 92 13.57 -18.13 -8.89
C GLY B 92 13.65 -17.06 -9.95
N PHE B 93 14.59 -16.13 -9.80
CA PHE B 93 14.72 -15.05 -10.76
C PHE B 93 14.90 -15.57 -12.18
N SER B 94 15.55 -16.72 -12.28
CA SER B 94 15.81 -17.32 -13.58
C SER B 94 14.57 -17.92 -14.23
N LYS B 95 13.76 -18.59 -13.44
CA LYS B 95 12.55 -19.21 -13.97
C LYS B 95 11.72 -18.17 -14.75
N ILE B 96 12.01 -16.89 -14.53
CA ILE B 96 11.25 -15.83 -15.17
C ILE B 96 11.77 -15.24 -16.48
N SER B 97 10.81 -14.90 -17.34
CA SER B 97 11.06 -14.27 -18.64
C SER B 97 12.06 -13.12 -18.51
N GLN B 98 12.72 -12.77 -19.61
CA GLN B 98 13.71 -11.69 -19.59
C GLN B 98 13.12 -10.30 -19.42
N SER B 99 11.99 -10.04 -20.08
CA SER B 99 11.35 -8.73 -19.98
C SER B 99 10.68 -8.55 -18.62
N ASP B 100 10.28 -9.67 -18.02
CA ASP B 100 9.65 -9.63 -16.70
C ASP B 100 10.69 -9.33 -15.62
N GLN B 101 11.95 -9.66 -15.89
CA GLN B 101 13.01 -9.38 -14.93
C GLN B 101 13.18 -7.88 -14.88
N ILE B 102 13.17 -7.27 -16.06
CA ILE B 102 13.30 -5.82 -16.19
C ILE B 102 12.09 -5.14 -15.54
N THR B 103 10.93 -5.79 -15.64
CA THR B 103 9.70 -5.24 -15.07
C THR B 103 9.84 -5.18 -13.54
N LEU B 104 10.38 -6.26 -12.98
CA LEU B 104 10.56 -6.34 -11.53
C LEU B 104 11.69 -5.45 -11.04
N LEU B 105 12.85 -5.55 -11.65
CA LEU B 105 14.00 -4.76 -11.24
C LEU B 105 13.71 -3.27 -11.31
N LYS B 106 12.96 -2.85 -12.32
CA LYS B 106 12.63 -1.44 -12.49
C LYS B 106 11.71 -0.94 -11.39
N ALA B 107 10.66 -1.72 -11.10
CA ALA B 107 9.68 -1.35 -10.09
C ALA B 107 10.13 -1.51 -8.65
N CYS B 108 10.94 -2.53 -8.37
CA CYS B 108 11.38 -2.77 -7.01
C CYS B 108 12.58 -1.92 -6.61
N SER B 109 13.29 -1.40 -7.61
CA SER B 109 14.48 -0.60 -7.33
C SER B 109 14.33 0.53 -6.31
N SER B 110 13.34 1.40 -6.47
CA SER B 110 13.18 2.49 -5.53
C SER B 110 12.66 1.98 -4.20
N GLU B 111 11.69 1.07 -4.25
CA GLU B 111 11.14 0.55 -3.02
C GLU B 111 12.22 -0.10 -2.17
N VAL B 112 13.02 -0.98 -2.76
CA VAL B 112 14.04 -1.64 -1.97
C VAL B 112 15.12 -0.64 -1.54
N MET B 113 15.27 0.44 -2.30
CA MET B 113 16.23 1.49 -1.97
C MET B 113 15.82 2.10 -0.63
N MET B 114 14.52 2.34 -0.50
CA MET B 114 13.92 2.90 0.71
C MET B 114 14.25 1.98 1.90
N LEU B 115 14.15 0.68 1.68
CA LEU B 115 14.45 -0.29 2.73
C LEU B 115 15.90 -0.19 3.17
N ARG B 116 16.82 -0.18 2.20
CA ARG B 116 18.25 -0.07 2.48
C ARG B 116 18.53 1.13 3.39
N VAL B 117 18.13 2.31 2.95
CA VAL B 117 18.35 3.51 3.76
C VAL B 117 17.72 3.34 5.12
N ALA B 118 16.43 3.02 5.13
CA ALA B 118 15.72 2.87 6.38
C ALA B 118 16.49 1.92 7.30
N ARG B 119 16.97 0.82 6.75
CA ARG B 119 17.70 -0.18 7.55
C ARG B 119 18.89 0.37 8.31
N ARG B 120 19.40 1.53 7.90
CA ARG B 120 20.56 2.12 8.57
C ARG B 120 20.19 3.35 9.41
N TYR B 121 19.03 3.33 10.05
CA TYR B 121 18.58 4.46 10.86
C TYR B 121 19.08 4.36 12.31
N ASP B 122 19.74 5.39 12.79
CA ASP B 122 20.25 5.38 14.15
C ASP B 122 19.26 6.06 15.10
N ALA B 123 18.76 5.30 16.08
CA ALA B 123 17.79 5.86 17.01
C ALA B 123 18.34 7.02 17.86
N ALA B 124 19.55 6.84 18.40
CA ALA B 124 20.20 7.83 19.25
C ALA B 124 20.32 9.22 18.64
N THR B 125 20.76 9.27 17.39
CA THR B 125 20.93 10.52 16.67
C THR B 125 19.74 10.81 15.74
N ASP B 126 18.72 9.94 15.80
CA ASP B 126 17.52 10.07 14.98
C ASP B 126 17.79 10.54 13.55
N SER B 127 18.56 9.74 12.82
CA SER B 127 18.91 10.05 11.44
C SER B 127 19.45 8.83 10.74
N VAL B 128 19.86 9.00 9.48
CA VAL B 128 20.37 7.86 8.73
C VAL B 128 21.89 7.80 8.67
N LEU B 129 22.47 6.83 9.36
CA LEU B 129 23.93 6.65 9.37
C LEU B 129 24.32 5.62 8.33
N PHE B 130 24.23 6.03 7.07
CA PHE B 130 24.54 5.18 5.92
C PHE B 130 26.03 5.29 5.61
N ALA B 131 26.87 5.05 6.63
CA ALA B 131 28.32 5.19 6.49
C ALA B 131 28.52 6.62 5.96
N ASN B 132 27.47 7.41 6.20
CA ASN B 132 27.37 8.81 5.81
C ASN B 132 28.30 9.34 4.74
N ASN B 133 27.94 9.08 3.48
CA ASN B 133 28.72 9.59 2.36
C ASN B 133 28.29 11.06 2.31
N GLN B 134 27.63 11.49 3.38
CA GLN B 134 27.15 12.86 3.49
C GLN B 134 26.20 13.08 2.32
N ALA B 135 25.71 11.97 1.77
CA ALA B 135 24.79 11.99 0.63
C ALA B 135 23.34 11.82 1.09
N TYR B 136 23.10 10.89 2.00
CA TYR B 136 21.76 10.65 2.49
C TYR B 136 21.55 11.31 3.85
N THR B 137 22.00 12.55 3.98
CA THR B 137 21.87 13.31 5.22
C THR B 137 20.99 14.54 4.99
N ARG B 138 20.33 15.01 6.03
CA ARG B 138 19.46 16.18 5.91
C ARG B 138 20.17 17.29 5.14
N ASP B 139 21.43 17.54 5.49
CA ASP B 139 22.19 18.59 4.84
C ASP B 139 22.31 18.48 3.33
N ASN B 140 22.96 17.43 2.85
CA ASN B 140 23.13 17.25 1.41
C ASN B 140 21.79 17.35 0.68
N TYR B 141 20.76 16.74 1.25
CA TYR B 141 19.43 16.78 0.64
C TYR B 141 18.90 18.20 0.60
N ARG B 142 19.47 19.05 1.43
CA ARG B 142 19.08 20.45 1.47
C ARG B 142 19.93 21.17 0.42
N LYS B 143 21.23 20.92 0.47
CA LYS B 143 22.16 21.52 -0.49
C LYS B 143 21.77 21.07 -1.89
N ALA B 144 21.04 19.95 -1.97
CA ALA B 144 20.60 19.40 -3.24
C ALA B 144 19.20 19.90 -3.58
N GLY B 145 18.60 20.66 -2.66
CA GLY B 145 17.28 21.21 -2.89
C GLY B 145 16.17 20.36 -2.30
N MET B 146 16.13 19.10 -2.69
CA MET B 146 15.11 18.15 -2.22
C MET B 146 15.24 17.86 -0.73
N ALA B 147 14.91 18.83 0.11
CA ALA B 147 14.99 18.63 1.53
C ALA B 147 13.61 18.32 2.08
N TYR B 148 12.59 18.78 1.38
CA TYR B 148 11.24 18.54 1.84
C TYR B 148 11.03 17.04 2.05
N VAL B 149 11.54 16.26 1.11
CA VAL B 149 11.44 14.81 1.14
C VAL B 149 12.01 14.13 2.39
N ILE B 150 12.94 14.79 3.08
CA ILE B 150 13.55 14.22 4.26
C ILE B 150 12.60 13.72 5.33
N GLU B 151 11.67 14.58 5.76
CA GLU B 151 10.73 14.17 6.80
C GLU B 151 9.96 12.89 6.48
N ASP B 152 9.39 12.83 5.27
CA ASP B 152 8.65 11.63 4.87
C ASP B 152 9.55 10.40 4.95
N LEU B 153 10.81 10.53 4.55
CA LEU B 153 11.75 9.43 4.60
C LEU B 153 12.03 8.98 6.04
N LEU B 154 12.37 9.95 6.90
CA LEU B 154 12.68 9.63 8.29
C LEU B 154 11.52 8.96 9.01
N HIS B 155 10.31 9.49 8.80
CA HIS B 155 9.13 8.92 9.41
C HIS B 155 9.09 7.42 9.13
N PHE B 156 9.36 7.05 7.88
CA PHE B 156 9.37 5.66 7.47
C PHE B 156 10.48 4.97 8.24
N CYS B 157 11.62 5.65 8.39
CA CYS B 157 12.75 5.09 9.12
C CYS B 157 12.35 4.82 10.56
N ARG B 158 11.70 5.80 11.15
CA ARG B 158 11.26 5.65 12.53
C ARG B 158 10.28 4.50 12.60
N CYS B 159 9.30 4.50 11.69
CA CYS B 159 8.30 3.45 11.68
C CYS B 159 8.89 2.08 11.43
N MET B 160 9.79 1.95 10.46
CA MET B 160 10.35 0.64 10.23
C MET B 160 11.21 0.20 11.40
N TYR B 161 12.04 1.09 11.92
CA TYR B 161 12.90 0.79 13.04
C TYR B 161 12.17 0.15 14.21
N SER B 162 10.99 0.70 14.53
CA SER B 162 10.19 0.21 15.64
C SER B 162 9.71 -1.22 15.52
N MET B 163 9.76 -1.77 14.31
CA MET B 163 9.33 -3.15 14.12
C MET B 163 10.32 -4.18 14.65
N MET B 164 11.59 -3.78 14.75
CA MET B 164 12.62 -4.67 15.26
C MET B 164 12.81 -5.90 14.41
N MET B 165 13.17 -5.72 13.15
CA MET B 165 13.37 -6.86 12.24
C MET B 165 14.75 -7.52 12.27
N ASP B 166 14.75 -8.86 12.14
CA ASP B 166 15.97 -9.70 12.03
C ASP B 166 16.56 -9.37 10.69
N ASN B 167 17.76 -9.86 10.42
CA ASN B 167 18.35 -9.68 9.10
C ASN B 167 17.58 -10.69 8.24
N VAL B 168 17.01 -11.69 8.91
CA VAL B 168 16.22 -12.71 8.24
C VAL B 168 14.89 -12.08 7.82
N HIS B 169 14.23 -11.40 8.76
CA HIS B 169 12.96 -10.72 8.45
C HIS B 169 13.24 -9.83 7.26
N TYR B 170 14.19 -8.93 7.45
CA TYR B 170 14.59 -7.97 6.44
C TYR B 170 14.98 -8.58 5.09
N ALA B 171 15.70 -9.70 5.11
CA ALA B 171 16.13 -10.33 3.85
C ALA B 171 14.97 -10.94 3.10
N LEU B 172 14.14 -11.70 3.80
CA LEU B 172 12.99 -12.32 3.18
C LEU B 172 12.11 -11.22 2.60
N LEU B 173 11.97 -10.13 3.34
CA LEU B 173 11.16 -9.01 2.88
C LEU B 173 11.72 -8.44 1.57
N THR B 174 13.02 -8.21 1.51
CA THR B 174 13.57 -7.67 0.27
C THR B 174 13.23 -8.59 -0.89
N ALA B 175 13.31 -9.91 -0.67
CA ALA B 175 12.97 -10.86 -1.71
C ALA B 175 11.51 -10.69 -2.08
N ILE B 176 10.64 -10.81 -1.09
CA ILE B 176 9.20 -10.68 -1.28
C ILE B 176 8.83 -9.40 -2.03
N VAL B 177 9.53 -8.31 -1.74
CA VAL B 177 9.25 -7.07 -2.42
C VAL B 177 9.56 -7.27 -3.92
N ILE B 178 10.78 -7.73 -4.22
CA ILE B 178 11.18 -7.97 -5.60
C ILE B 178 10.21 -8.89 -6.38
N PHE B 179 9.61 -9.88 -5.73
CA PHE B 179 8.70 -10.76 -6.45
C PHE B 179 7.22 -10.42 -6.33
N SER B 180 6.92 -9.13 -6.16
CA SER B 180 5.55 -8.68 -6.03
C SER B 180 4.89 -8.52 -7.40
N ASP B 181 3.56 -8.60 -7.43
CA ASP B 181 2.82 -8.46 -8.67
C ASP B 181 2.88 -7.02 -9.16
N ARG B 182 3.63 -6.80 -10.23
CA ARG B 182 3.80 -5.47 -10.81
C ARG B 182 3.07 -5.39 -12.15
N PRO B 183 2.52 -4.21 -12.49
CA PRO B 183 1.81 -4.10 -13.77
C PRO B 183 2.74 -4.41 -14.95
N GLY B 184 2.19 -5.06 -15.96
CA GLY B 184 2.99 -5.39 -17.14
C GLY B 184 3.80 -6.67 -17.07
N LEU B 185 3.45 -7.59 -16.18
CA LEU B 185 4.20 -8.83 -16.10
C LEU B 185 3.57 -9.83 -17.05
N GLU B 186 4.38 -10.37 -17.96
CA GLU B 186 3.91 -11.35 -18.93
C GLU B 186 3.43 -12.61 -18.21
N GLN B 187 4.08 -12.94 -17.10
CA GLN B 187 3.72 -14.13 -16.35
C GLN B 187 3.53 -13.86 -14.85
N PRO B 188 2.44 -13.16 -14.48
CA PRO B 188 2.13 -12.82 -13.09
C PRO B 188 1.98 -14.07 -12.25
N SER B 189 1.36 -15.09 -12.82
CA SER B 189 1.13 -16.35 -12.15
C SER B 189 2.42 -16.99 -11.67
N LEU B 190 3.46 -16.90 -12.52
CA LEU B 190 4.76 -17.46 -12.19
C LEU B 190 5.37 -16.68 -11.04
N VAL B 191 5.56 -15.38 -11.25
CA VAL B 191 6.13 -14.54 -10.21
C VAL B 191 5.44 -14.82 -8.88
N GLU B 192 4.11 -14.84 -8.90
CA GLU B 192 3.37 -15.11 -7.67
C GLU B 192 3.85 -16.42 -7.06
N GLU B 193 4.19 -17.38 -7.92
CA GLU B 193 4.70 -18.70 -7.48
C GLU B 193 5.98 -18.45 -6.68
N ILE B 194 6.95 -17.85 -7.35
CA ILE B 194 8.23 -17.56 -6.73
C ILE B 194 8.04 -16.82 -5.42
N GLN B 195 7.20 -15.79 -5.44
CA GLN B 195 6.99 -14.98 -4.25
C GLN B 195 6.42 -15.78 -3.09
N ARG B 196 5.49 -16.66 -3.37
CA ARG B 196 4.87 -17.45 -2.32
C ARG B 196 5.88 -18.33 -1.59
N TYR B 197 6.97 -18.71 -2.27
CA TYR B 197 7.93 -19.57 -1.60
C TYR B 197 8.66 -18.79 -0.50
N TYR B 198 8.98 -17.54 -0.79
CA TYR B 198 9.64 -16.68 0.19
C TYR B 198 8.63 -16.33 1.27
N LEU B 199 7.39 -16.05 0.86
CA LEU B 199 6.34 -15.71 1.79
C LEU B 199 6.19 -16.80 2.83
N ASN B 200 6.06 -18.05 2.38
CA ASN B 200 5.88 -19.14 3.32
C ASN B 200 7.12 -19.36 4.21
N THR B 201 8.31 -19.12 3.67
CA THR B 201 9.51 -19.27 4.48
C THR B 201 9.39 -18.29 5.64
N LEU B 202 9.21 -17.01 5.31
CA LEU B 202 9.09 -15.96 6.33
C LEU B 202 8.05 -16.34 7.38
N ARG B 203 6.92 -16.88 6.91
CA ARG B 203 5.86 -17.30 7.82
C ARG B 203 6.35 -18.37 8.80
N VAL B 204 6.94 -19.44 8.27
CA VAL B 204 7.43 -20.52 9.10
C VAL B 204 8.54 -20.09 10.06
N TYR B 205 9.43 -19.23 9.58
CA TYR B 205 10.52 -18.72 10.40
C TYR B 205 9.91 -18.00 11.61
N ILE B 206 8.93 -17.14 11.36
CA ILE B 206 8.30 -16.41 12.45
C ILE B 206 7.59 -17.37 13.41
N LEU B 207 6.83 -18.32 12.86
CA LEU B 207 6.12 -19.28 13.70
C LEU B 207 7.06 -20.03 14.64
N ASN B 208 8.19 -20.49 14.12
CA ASN B 208 9.18 -21.20 14.91
C ASN B 208 9.85 -20.27 15.91
N GLN B 209 10.16 -19.07 15.47
CA GLN B 209 10.80 -18.09 16.33
C GLN B 209 9.88 -17.72 17.51
N ASN B 210 8.58 -18.03 17.40
CA ASN B 210 7.62 -17.68 18.45
C ASN B 210 6.78 -18.85 19.01
N SER B 211 7.18 -20.08 18.73
CA SER B 211 6.48 -21.25 19.23
C SER B 211 5.01 -21.28 18.84
N ALA B 212 4.73 -20.98 17.57
CA ALA B 212 3.36 -20.99 17.09
C ALA B 212 2.50 -20.07 17.93
N SER B 213 3.12 -19.04 18.50
CA SER B 213 2.41 -18.06 19.31
C SER B 213 1.41 -17.34 18.42
N PRO B 214 0.30 -16.85 18.99
CA PRO B 214 -0.68 -16.15 18.16
C PRO B 214 -0.05 -14.89 17.55
N ARG B 215 0.82 -14.24 18.32
CA ARG B 215 1.48 -13.02 17.88
C ARG B 215 2.21 -13.21 16.54
N SER B 216 2.37 -14.45 16.11
CA SER B 216 3.05 -14.70 14.85
C SER B 216 2.34 -13.93 13.72
N ALA B 217 1.02 -14.07 13.64
CA ALA B 217 0.26 -13.38 12.62
C ALA B 217 0.48 -11.87 12.73
N VAL B 218 0.69 -11.39 13.96
CA VAL B 218 0.93 -9.97 14.14
C VAL B 218 2.29 -9.59 13.53
N ILE B 219 3.33 -10.32 13.92
CA ILE B 219 4.65 -10.05 13.38
C ILE B 219 4.62 -10.17 11.86
N PHE B 220 4.13 -11.31 11.36
CA PHE B 220 4.00 -11.57 9.93
C PHE B 220 3.18 -10.48 9.26
N GLY B 221 2.08 -10.09 9.91
CA GLY B 221 1.21 -9.07 9.37
C GLY B 221 1.88 -7.72 9.18
N LYS B 222 2.51 -7.20 10.22
CA LYS B 222 3.17 -5.90 10.12
C LYS B 222 4.23 -5.91 9.03
N ILE B 223 4.92 -7.04 8.88
CA ILE B 223 5.94 -7.08 7.84
C ILE B 223 5.29 -6.90 6.46
N LEU B 224 4.22 -7.63 6.18
CA LEU B 224 3.57 -7.47 4.89
C LEU B 224 2.99 -6.05 4.76
N GLY B 225 2.79 -5.38 5.90
CA GLY B 225 2.28 -4.02 5.89
C GLY B 225 3.28 -3.06 5.27
N ILE B 226 4.56 -3.34 5.43
CA ILE B 226 5.60 -2.50 4.87
C ILE B 226 5.48 -2.46 3.35
N LEU B 227 5.08 -3.58 2.75
CA LEU B 227 4.91 -3.66 1.30
C LEU B 227 4.02 -2.52 0.80
N THR B 228 3.04 -2.15 1.63
CA THR B 228 2.11 -1.09 1.30
C THR B 228 2.71 0.30 1.45
N GLU B 229 3.36 0.56 2.58
CA GLU B 229 3.94 1.89 2.79
C GLU B 229 5.06 2.13 1.79
N ILE B 230 5.72 1.05 1.43
CA ILE B 230 6.82 1.05 0.47
C ILE B 230 6.34 1.56 -0.89
N ARG B 231 5.06 1.30 -1.21
CA ARG B 231 4.44 1.73 -2.48
C ARG B 231 4.32 3.23 -2.61
N THR B 232 3.87 3.88 -1.53
CA THR B 232 3.73 5.34 -1.54
C THR B 232 5.09 6.01 -1.70
N LEU B 233 6.11 5.45 -1.07
CA LEU B 233 7.45 6.02 -1.18
C LEU B 233 7.94 5.91 -2.62
N GLY B 234 7.67 4.77 -3.24
CA GLY B 234 8.09 4.56 -4.61
C GLY B 234 7.49 5.57 -5.53
N MET B 235 6.22 5.87 -5.33
CA MET B 235 5.48 6.85 -6.12
C MET B 235 6.20 8.19 -5.95
N GLN B 236 6.30 8.62 -4.70
CA GLN B 236 6.98 9.88 -4.37
C GLN B 236 8.32 9.97 -5.09
N ASN B 237 8.98 8.84 -5.25
CA ASN B 237 10.25 8.81 -5.96
C ASN B 237 9.96 9.18 -7.40
N SER B 238 8.97 8.52 -7.98
CA SER B 238 8.55 8.77 -9.36
C SER B 238 8.21 10.22 -9.56
N ASN B 239 7.39 10.76 -8.67
CA ASN B 239 7.00 12.16 -8.75
C ASN B 239 8.21 13.07 -8.83
N MET B 240 9.24 12.79 -8.02
CA MET B 240 10.43 13.62 -8.04
C MET B 240 11.08 13.59 -9.42
N CYS B 241 11.15 12.40 -10.01
CA CYS B 241 11.73 12.26 -11.32
C CYS B 241 10.94 13.14 -12.27
N ILE B 242 9.62 13.04 -12.22
CA ILE B 242 8.77 13.84 -13.07
C ILE B 242 9.06 15.32 -12.84
N SER B 243 9.43 15.69 -11.62
CA SER B 243 9.74 17.07 -11.31
C SER B 243 11.04 17.52 -11.98
N LEU B 244 12.08 16.71 -11.85
CA LEU B 244 13.35 17.04 -12.47
C LEU B 244 13.12 17.27 -13.96
N LYS B 245 12.19 16.48 -14.53
CA LYS B 245 11.85 16.57 -15.94
C LYS B 245 11.37 17.97 -16.33
N LEU B 246 10.37 18.48 -15.63
CA LEU B 246 9.84 19.81 -15.94
C LEU B 246 10.57 20.93 -15.19
N LYS B 247 11.82 20.65 -14.84
CA LYS B 247 12.69 21.59 -14.15
C LYS B 247 14.09 21.28 -14.70
N ASN B 248 14.10 20.45 -15.74
CA ASN B 248 15.30 20.00 -16.44
C ASN B 248 16.54 19.77 -15.58
N ARG B 249 16.53 18.68 -14.83
CA ARG B 249 17.66 18.33 -13.98
C ARG B 249 18.37 17.11 -14.56
N LYS B 250 19.63 16.95 -14.19
CA LYS B 250 20.45 15.86 -14.70
C LYS B 250 20.32 14.54 -13.97
N LEU B 251 19.65 13.58 -14.60
CA LEU B 251 19.51 12.26 -14.00
C LEU B 251 20.33 11.29 -14.85
N PRO B 252 21.48 10.83 -14.35
CA PRO B 252 22.34 9.90 -15.09
C PRO B 252 21.53 8.85 -15.85
N PRO B 253 21.79 8.69 -17.15
CA PRO B 253 21.06 7.73 -17.99
C PRO B 253 20.74 6.38 -17.33
N PHE B 254 21.51 6.01 -16.30
CA PHE B 254 21.26 4.76 -15.60
C PHE B 254 19.87 4.82 -14.98
N LEU B 255 19.65 5.84 -14.15
CA LEU B 255 18.37 6.04 -13.51
C LEU B 255 17.33 6.47 -14.53
N GLU B 256 17.75 7.36 -15.44
CA GLU B 256 16.87 7.88 -16.48
C GLU B 256 16.15 6.73 -17.15
N GLU B 257 16.82 5.59 -17.24
CA GLU B 257 16.27 4.40 -17.88
C GLU B 257 15.50 3.53 -16.90
N ILE B 258 16.14 3.15 -15.79
CA ILE B 258 15.53 2.31 -14.78
C ILE B 258 14.22 2.89 -14.22
N TRP B 259 14.18 4.21 -14.05
CA TRP B 259 12.99 4.86 -13.52
C TRP B 259 12.20 5.61 -14.58
N ASP B 260 12.36 5.20 -15.84
CA ASP B 260 11.65 5.81 -16.97
C ASP B 260 11.81 7.32 -17.09
N VAL B 261 11.20 7.87 -18.14
CA VAL B 261 11.24 9.30 -18.43
C VAL B 261 9.98 9.76 -19.17
N ALA B 262 9.53 8.95 -20.13
CA ALA B 262 8.34 9.23 -20.95
C ALA B 262 7.29 10.03 -20.19
#